data_2KFQ
#
_entry.id   2KFQ
#
_entity_poly.entity_id   1
_entity_poly.type   'polypeptide(L)'
_entity_poly.pdbx_seq_one_letter_code
;YAFACPACPKRFMRSDALSKHIKTAFIVVALG
;
_entity_poly.pdbx_strand_id   A
#
# COMPACT_ATOMS: atom_id res chain seq x y z
N TYR A 1 9.72 -0.19 18.61
CA TYR A 1 8.86 -1.34 18.37
C TYR A 1 8.78 -1.67 16.89
N ALA A 2 7.87 -2.58 16.56
CA ALA A 2 7.68 -2.99 15.18
C ALA A 2 6.21 -3.34 14.96
N PHE A 3 5.36 -2.35 15.16
CA PHE A 3 3.92 -2.54 14.99
C PHE A 3 3.19 -1.21 14.93
N ALA A 4 3.90 -0.20 14.43
CA ALA A 4 3.33 1.13 14.32
C ALA A 4 4.44 2.13 13.97
N CYS A 5 5.65 1.82 14.42
CA CYS A 5 6.79 2.67 14.15
C CYS A 5 6.81 3.00 12.66
N PRO A 6 6.89 1.92 11.84
CA PRO A 6 6.91 2.09 10.39
C PRO A 6 5.53 2.44 9.85
N ALA A 7 4.77 1.40 9.53
CA ALA A 7 3.43 1.60 9.00
C ALA A 7 3.51 1.85 7.49
N CYS A 8 4.04 3.01 7.15
CA CYS A 8 4.18 3.39 5.76
C CYS A 8 5.47 4.19 5.60
N PRO A 9 6.58 3.45 5.35
CA PRO A 9 7.88 4.08 5.18
C PRO A 9 7.99 4.76 3.81
N LYS A 10 9.21 5.06 3.43
CA LYS A 10 9.46 5.71 2.15
C LYS A 10 9.94 4.66 1.14
N ARG A 11 9.95 3.41 1.59
CA ARG A 11 10.38 2.31 0.74
C ARG A 11 9.18 1.48 0.29
N PHE A 12 8.23 1.34 1.21
CA PHE A 12 7.03 0.58 0.93
C PHE A 12 6.15 1.30 -0.10
N MET A 13 6.02 2.61 0.10
CA MET A 13 5.22 3.42 -0.80
C MET A 13 5.55 3.13 -2.26
N ARG A 14 6.75 2.61 -2.46
CA ARG A 14 7.20 2.27 -3.80
C ARG A 14 6.45 1.05 -4.33
N SER A 15 6.42 0.02 -3.51
CA SER A 15 5.74 -1.22 -3.88
C SER A 15 4.25 -1.11 -3.56
N ASP A 16 3.83 0.11 -3.21
CA ASP A 16 2.44 0.36 -2.88
C ASP A 16 1.81 1.24 -3.97
N ALA A 17 2.68 1.92 -4.71
CA ALA A 17 2.23 2.79 -5.78
C ALA A 17 2.07 1.98 -7.07
N LEU A 18 1.79 0.70 -6.88
CA LEU A 18 1.61 -0.19 -8.02
C LEU A 18 1.19 -1.58 -7.52
N SER A 19 0.40 -1.57 -6.45
CA SER A 19 -0.08 -2.80 -5.85
C SER A 19 -1.43 -2.56 -5.18
N LYS A 20 -2.10 -1.50 -5.61
CA LYS A 20 -3.40 -1.16 -5.06
C LYS A 20 -4.36 -0.82 -6.20
N HIS A 21 -4.03 -1.31 -7.38
CA HIS A 21 -4.85 -1.08 -8.56
C HIS A 21 -4.40 -2.00 -9.69
N ILE A 22 -3.09 -2.09 -9.85
CA ILE A 22 -2.52 -2.94 -10.90
C ILE A 22 -2.69 -4.41 -10.50
N LYS A 23 -2.90 -4.62 -9.21
CA LYS A 23 -3.07 -5.96 -8.68
C LYS A 23 -4.52 -6.42 -8.92
N THR A 24 -5.27 -5.56 -9.61
CA THR A 24 -6.66 -5.85 -9.90
C THR A 24 -7.18 -4.92 -10.99
N ALA A 25 -8.30 -4.28 -10.69
CA ALA A 25 -8.92 -3.37 -11.63
C ALA A 25 -10.33 -3.01 -11.16
N PHE A 26 -10.39 -2.36 -10.02
CA PHE A 26 -11.67 -1.96 -9.44
C PHE A 26 -11.47 -1.22 -8.12
N ILE A 27 -12.52 -1.22 -7.32
CA ILE A 27 -12.47 -0.56 -6.02
C ILE A 27 -13.08 -1.47 -4.96
N VAL A 28 -12.23 -2.31 -4.38
CA VAL A 28 -12.67 -3.24 -3.35
C VAL A 28 -11.46 -3.73 -2.57
N VAL A 29 -10.47 -4.21 -3.30
CA VAL A 29 -9.25 -4.71 -2.68
C VAL A 29 -8.03 -4.05 -3.35
N ALA A 30 -8.33 -3.11 -4.24
CA ALA A 30 -7.27 -2.40 -4.94
C ALA A 30 -6.67 -1.33 -4.03
N LEU A 31 -7.38 -0.22 -3.93
CA LEU A 31 -6.94 0.88 -3.10
C LEU A 31 -6.59 0.35 -1.71
N GLY A 32 -7.56 -0.32 -1.11
CA GLY A 32 -7.38 -0.88 0.22
C GLY A 32 -8.67 -1.50 0.73
N TYR A 1 5.22 1.27 20.12
CA TYR A 1 4.19 1.30 19.10
C TYR A 1 4.78 1.06 17.70
N ALA A 2 4.47 -0.11 17.16
CA ALA A 2 4.96 -0.46 15.85
C ALA A 2 3.82 -1.10 15.04
N PHE A 3 2.89 -0.25 14.62
CA PHE A 3 1.76 -0.71 13.85
C PHE A 3 1.84 -0.20 12.41
N ALA A 4 2.85 0.62 12.15
CA ALA A 4 3.05 1.19 10.83
C ALA A 4 4.12 2.28 10.90
N CYS A 5 4.19 2.92 12.06
CA CYS A 5 5.14 3.99 12.26
C CYS A 5 6.52 3.49 11.81
N PRO A 6 6.97 2.38 12.45
CA PRO A 6 8.26 1.79 12.12
C PRO A 6 8.20 1.04 10.79
N ALA A 7 7.59 -0.14 10.84
CA ALA A 7 7.46 -0.96 9.65
C ALA A 7 6.99 -0.09 8.48
N CYS A 8 7.06 -0.66 7.29
CA CYS A 8 6.64 0.04 6.09
C CYS A 8 7.63 1.18 5.84
N PRO A 9 8.67 0.89 5.00
CA PRO A 9 9.67 1.87 4.69
C PRO A 9 9.14 2.92 3.70
N LYS A 10 10.06 3.64 3.09
CA LYS A 10 9.69 4.67 2.13
C LYS A 10 9.89 4.13 0.71
N ARG A 11 10.28 2.87 0.65
CA ARG A 11 10.51 2.22 -0.64
C ARG A 11 9.37 1.25 -0.96
N PHE A 12 8.88 0.60 0.09
CA PHE A 12 7.79 -0.35 -0.06
C PHE A 12 6.49 0.35 -0.42
N MET A 13 6.24 1.46 0.27
CA MET A 13 5.04 2.24 0.04
C MET A 13 4.82 2.49 -1.46
N ARG A 14 5.92 2.40 -2.20
CA ARG A 14 5.86 2.61 -3.63
C ARG A 14 5.42 1.33 -4.35
N SER A 15 6.08 0.24 -3.99
CA SER A 15 5.77 -1.04 -4.59
C SER A 15 4.31 -1.42 -4.28
N ASP A 16 3.74 -0.71 -3.33
CA ASP A 16 2.36 -0.96 -2.94
C ASP A 16 1.48 0.18 -3.47
N ALA A 17 2.11 1.30 -3.77
CA ALA A 17 1.40 2.45 -4.29
C ALA A 17 1.31 2.35 -5.80
N LEU A 18 1.42 1.13 -6.29
CA LEU A 18 1.35 0.88 -7.73
C LEU A 18 0.93 -0.57 -7.98
N SER A 19 0.28 -1.13 -6.97
CA SER A 19 -0.19 -2.50 -7.06
C SER A 19 -1.63 -2.61 -6.57
N LYS A 20 -1.79 -2.42 -5.27
CA LYS A 20 -3.12 -2.48 -4.66
C LYS A 20 -3.91 -1.24 -5.05
N HIS A 21 -4.00 -1.00 -6.34
CA HIS A 21 -4.72 0.15 -6.86
C HIS A 21 -4.81 0.07 -8.38
N ILE A 22 -3.72 -0.37 -8.98
CA ILE A 22 -3.65 -0.51 -10.42
C ILE A 22 -3.75 -1.99 -10.80
N LYS A 23 -3.67 -2.83 -9.79
CA LYS A 23 -3.74 -4.27 -9.99
C LYS A 23 -5.21 -4.69 -10.12
N THR A 24 -6.08 -3.70 -10.17
CA THR A 24 -7.50 -3.95 -10.30
C THR A 24 -8.22 -2.72 -10.86
N ALA A 25 -9.27 -2.32 -10.17
CA ALA A 25 -10.04 -1.16 -10.60
C ALA A 25 -11.36 -1.11 -9.81
N PHE A 26 -11.22 -0.88 -8.52
CA PHE A 26 -12.39 -0.81 -7.64
C PHE A 26 -11.97 -0.54 -6.19
N ILE A 27 -12.85 -0.90 -5.28
CA ILE A 27 -12.59 -0.71 -3.87
C ILE A 27 -12.84 -2.02 -3.12
N VAL A 28 -11.78 -2.80 -2.99
CA VAL A 28 -11.86 -4.08 -2.31
C VAL A 28 -10.45 -4.59 -2.02
N VAL A 29 -9.59 -4.45 -3.01
CA VAL A 29 -8.21 -4.90 -2.87
C VAL A 29 -7.27 -3.83 -3.42
N ALA A 30 -7.86 -2.67 -3.69
CA ALA A 30 -7.09 -1.56 -4.23
C ALA A 30 -6.77 -0.58 -3.10
N LEU A 31 -5.88 -1.01 -2.21
CA LEU A 31 -5.49 -0.18 -1.09
C LEU A 31 -5.09 1.21 -1.60
N GLY A 32 -5.07 2.16 -0.68
CA GLY A 32 -4.70 3.52 -1.01
C GLY A 32 -5.87 4.48 -0.76
N TYR A 1 2.95 9.01 15.69
CA TYR A 1 3.67 7.76 15.53
C TYR A 1 3.08 6.93 14.37
N ALA A 2 3.90 6.72 13.36
CA ALA A 2 3.49 5.95 12.20
C ALA A 2 4.63 5.05 11.75
N PHE A 3 5.40 4.58 12.73
CA PHE A 3 6.52 3.71 12.45
C PHE A 3 6.11 2.55 11.53
N ALA A 4 5.25 1.69 12.06
CA ALA A 4 4.78 0.55 11.30
C ALA A 4 3.44 0.08 11.87
N CYS A 5 2.75 1.02 12.50
CA CYS A 5 1.45 0.73 13.10
C CYS A 5 0.49 0.30 11.99
N PRO A 6 0.41 1.18 10.95
CA PRO A 6 -0.46 0.91 9.81
C PRO A 6 0.12 -0.17 8.91
N ALA A 7 0.92 0.28 7.94
CA ALA A 7 1.55 -0.64 7.01
C ALA A 7 2.49 0.16 6.08
N CYS A 8 3.18 -0.58 5.23
CA CYS A 8 4.11 0.03 4.29
C CYS A 8 5.33 0.53 5.07
N PRO A 9 6.34 -0.37 5.19
CA PRO A 9 7.55 -0.03 5.91
C PRO A 9 8.44 0.89 5.08
N LYS A 10 9.69 1.02 5.51
CA LYS A 10 10.64 1.86 4.82
C LYS A 10 10.78 1.39 3.37
N ARG A 11 10.85 0.08 3.22
CA ARG A 11 10.99 -0.51 1.90
C ARG A 11 9.94 0.06 0.95
N PHE A 12 8.77 0.35 1.51
CA PHE A 12 7.68 0.90 0.73
C PHE A 12 7.40 2.35 1.14
N MET A 13 6.55 3.00 0.34
CA MET A 13 6.19 4.38 0.60
C MET A 13 5.43 4.99 -0.58
N ARG A 14 5.77 4.50 -1.77
CA ARG A 14 5.11 4.98 -2.97
C ARG A 14 4.81 3.80 -3.91
N SER A 15 5.84 3.03 -4.20
CA SER A 15 5.70 1.88 -5.08
C SER A 15 4.52 1.02 -4.61
N ASP A 16 4.18 1.17 -3.35
CA ASP A 16 3.07 0.42 -2.78
C ASP A 16 1.79 1.25 -2.86
N ALA A 17 1.97 2.56 -2.84
CA ALA A 17 0.84 3.48 -2.93
C ALA A 17 0.47 3.69 -4.40
N LEU A 18 0.32 2.57 -5.10
CA LEU A 18 -0.03 2.61 -6.52
C LEU A 18 -0.16 1.19 -7.05
N SER A 19 0.71 0.32 -6.55
CA SER A 19 0.72 -1.07 -6.98
C SER A 19 -0.63 -1.71 -6.64
N LYS A 20 -1.37 -1.04 -5.78
CA LYS A 20 -2.68 -1.53 -5.37
C LYS A 20 -3.69 -1.32 -6.49
N HIS A 21 -3.35 -0.39 -7.37
CA HIS A 21 -4.20 -0.09 -8.51
C HIS A 21 -3.77 -0.89 -9.73
N ILE A 22 -2.49 -1.23 -9.74
CA ILE A 22 -1.93 -2.00 -10.83
C ILE A 22 -2.26 -3.49 -10.64
N LYS A 23 -2.34 -3.87 -9.37
CA LYS A 23 -2.65 -5.26 -9.03
C LYS A 23 -4.15 -5.49 -9.19
N THR A 24 -4.85 -4.43 -9.56
CA THR A 24 -6.29 -4.51 -9.74
C THR A 24 -6.83 -3.20 -10.32
N ALA A 25 -7.87 -2.69 -9.69
CA ALA A 25 -8.48 -1.44 -10.12
C ALA A 25 -9.84 -1.27 -9.43
N PHE A 26 -9.78 -1.18 -8.11
CA PHE A 26 -10.98 -1.02 -7.31
C PHE A 26 -10.64 -0.94 -5.82
N ILE A 27 -11.65 -1.25 -5.01
CA ILE A 27 -11.48 -1.22 -3.57
C ILE A 27 -12.05 -2.51 -2.96
N VAL A 28 -11.19 -3.51 -2.87
CA VAL A 28 -11.60 -4.79 -2.31
C VAL A 28 -10.36 -5.61 -1.95
N VAL A 29 -9.42 -5.65 -2.88
CA VAL A 29 -8.19 -6.38 -2.67
C VAL A 29 -7.00 -5.49 -3.04
N ALA A 30 -7.31 -4.23 -3.32
CA ALA A 30 -6.28 -3.27 -3.69
C ALA A 30 -5.54 -2.82 -2.43
N LEU A 31 -6.23 -2.00 -1.65
CA LEU A 31 -5.66 -1.48 -0.42
C LEU A 31 -6.77 -0.95 0.49
N GLY A 32 -6.37 -0.35 1.59
CA GLY A 32 -7.32 0.19 2.54
C GLY A 32 -6.78 0.13 3.97
N TYR A 1 10.44 7.63 12.86
CA TYR A 1 10.64 6.19 13.02
C TYR A 1 11.38 5.88 14.32
N ALA A 2 11.41 4.59 14.65
CA ALA A 2 12.08 4.15 15.86
C ALA A 2 11.98 2.63 15.97
N PHE A 3 10.79 2.13 15.69
CA PHE A 3 10.55 0.70 15.75
C PHE A 3 9.21 0.34 15.07
N ALA A 4 8.19 1.10 15.43
CA ALA A 4 6.87 0.88 14.86
C ALA A 4 5.91 1.98 15.36
N CYS A 5 6.35 3.21 15.16
CA CYS A 5 5.55 4.35 15.59
C CYS A 5 4.38 4.51 14.61
N PRO A 6 4.72 4.57 13.30
CA PRO A 6 3.72 4.71 12.26
C PRO A 6 2.98 3.40 12.04
N ALA A 7 3.54 2.33 12.57
CA ALA A 7 2.95 1.02 12.44
C ALA A 7 3.40 0.39 11.11
N CYS A 8 3.21 1.16 10.06
CA CYS A 8 3.58 0.69 8.72
C CYS A 8 4.97 1.24 8.40
N PRO A 9 5.69 0.49 7.52
CA PRO A 9 7.04 0.89 7.12
C PRO A 9 6.99 2.06 6.15
N LYS A 10 8.10 2.26 5.45
CA LYS A 10 8.20 3.34 4.48
C LYS A 10 8.42 2.75 3.09
N ARG A 11 8.55 1.43 3.05
CA ARG A 11 8.75 0.73 1.80
C ARG A 11 7.42 0.15 1.29
N PHE A 12 6.58 -0.22 2.24
CA PHE A 12 5.28 -0.79 1.90
C PHE A 12 4.36 0.27 1.30
N MET A 13 4.36 1.43 1.92
CA MET A 13 3.53 2.53 1.44
C MET A 13 3.69 2.73 -0.07
N ARG A 14 4.82 2.27 -0.58
CA ARG A 14 5.10 2.39 -1.99
C ARG A 14 4.73 1.09 -2.72
N SER A 15 5.22 -0.01 -2.18
CA SER A 15 4.94 -1.31 -2.76
C SER A 15 3.44 -1.55 -2.84
N ASP A 16 2.70 -0.75 -2.08
CA ASP A 16 1.26 -0.85 -2.05
C ASP A 16 0.64 0.23 -2.93
N ALA A 17 1.44 1.25 -3.19
CA ALA A 17 0.99 2.36 -4.02
C ALA A 17 1.30 2.04 -5.49
N LEU A 18 1.44 0.76 -5.77
CA LEU A 18 1.73 0.31 -7.11
C LEU A 18 1.20 -1.11 -7.30
N SER A 19 0.28 -1.48 -6.44
CA SER A 19 -0.31 -2.81 -6.49
C SER A 19 -1.84 -2.70 -6.46
N LYS A 20 -2.34 -2.25 -5.32
CA LYS A 20 -3.78 -2.11 -5.14
C LYS A 20 -4.26 -0.87 -5.92
N HIS A 21 -3.94 -0.86 -7.21
CA HIS A 21 -4.32 0.24 -8.07
C HIS A 21 -4.00 -0.11 -9.53
N ILE A 22 -2.86 -0.76 -9.70
CA ILE A 22 -2.43 -1.15 -11.03
C ILE A 22 -2.70 -2.65 -11.23
N LYS A 23 -2.95 -3.32 -10.12
CA LYS A 23 -3.22 -4.75 -10.16
C LYS A 23 -4.69 -4.98 -10.46
N THR A 24 -5.37 -3.88 -10.80
CA THR A 24 -6.79 -3.95 -11.12
C THR A 24 -7.30 -2.58 -11.54
N ALA A 25 -7.69 -2.48 -12.79
CA ALA A 25 -8.20 -1.23 -13.33
C ALA A 25 -9.73 -1.21 -13.20
N PHE A 26 -10.18 -1.06 -11.95
CA PHE A 26 -11.60 -1.02 -11.68
C PHE A 26 -11.87 -0.50 -10.26
N ILE A 27 -13.09 -0.75 -9.79
CA ILE A 27 -13.48 -0.33 -8.47
C ILE A 27 -14.16 -1.49 -7.74
N VAL A 28 -13.37 -2.19 -6.94
CA VAL A 28 -13.89 -3.32 -6.19
C VAL A 28 -12.85 -3.73 -5.13
N VAL A 29 -11.60 -3.76 -5.56
CA VAL A 29 -10.51 -4.15 -4.67
C VAL A 29 -9.25 -3.35 -5.04
N ALA A 30 -9.47 -2.28 -5.78
CA ALA A 30 -8.37 -1.42 -6.20
C ALA A 30 -8.14 -0.34 -5.15
N LEU A 31 -8.18 -0.76 -3.89
CA LEU A 31 -7.98 0.16 -2.78
C LEU A 31 -6.65 0.90 -2.99
N GLY A 32 -6.77 2.22 -3.12
CA GLY A 32 -5.60 3.06 -3.32
C GLY A 32 -5.79 4.00 -4.50
N TYR A 1 10.49 5.70 12.34
CA TYR A 1 9.77 5.06 13.43
C TYR A 1 10.67 4.11 14.21
N ALA A 2 10.07 3.40 15.16
CA ALA A 2 10.80 2.45 15.97
C ALA A 2 10.68 1.05 15.36
N PHE A 3 9.46 0.75 14.92
CA PHE A 3 9.20 -0.54 14.32
C PHE A 3 7.96 -0.48 13.41
N ALA A 4 6.93 0.17 13.92
CA ALA A 4 5.69 0.32 13.17
C ALA A 4 4.75 1.24 13.93
N CYS A 5 5.29 2.38 14.36
CA CYS A 5 4.50 3.35 15.09
C CYS A 5 3.44 3.92 14.15
N PRO A 6 3.92 4.41 12.98
CA PRO A 6 3.02 4.98 11.99
C PRO A 6 2.24 3.89 11.27
N ALA A 7 2.52 2.65 11.64
CA ALA A 7 1.86 1.51 11.02
C ALA A 7 2.58 1.15 9.73
N CYS A 8 2.40 2.00 8.72
CA CYS A 8 3.02 1.78 7.44
C CYS A 8 4.45 2.31 7.49
N PRO A 9 5.39 1.49 6.99
CA PRO A 9 6.80 1.86 6.98
C PRO A 9 7.08 2.89 5.88
N LYS A 10 8.36 3.04 5.56
CA LYS A 10 8.77 3.98 4.54
C LYS A 10 9.41 3.22 3.38
N ARG A 11 8.62 2.33 2.79
CA ARG A 11 9.09 1.52 1.67
C ARG A 11 7.98 0.61 1.17
N PHE A 12 7.20 0.11 2.12
CA PHE A 12 6.10 -0.79 1.78
C PHE A 12 4.98 -0.03 1.07
N MET A 13 4.68 1.15 1.58
CA MET A 13 3.64 1.99 1.00
C MET A 13 3.80 2.09 -0.51
N ARG A 14 5.04 1.87 -0.96
CA ARG A 14 5.33 1.94 -2.38
C ARG A 14 4.95 0.63 -3.07
N SER A 15 5.41 -0.47 -2.48
CA SER A 15 5.11 -1.78 -3.03
C SER A 15 3.59 -2.00 -3.11
N ASP A 16 2.88 -1.15 -2.39
CA ASP A 16 1.43 -1.23 -2.36
C ASP A 16 0.85 -0.20 -3.34
N ALA A 17 1.67 0.78 -3.67
CA ALA A 17 1.25 1.82 -4.59
C ALA A 17 1.53 1.37 -6.03
N LEU A 18 1.61 0.06 -6.20
CA LEU A 18 1.88 -0.50 -7.51
C LEU A 18 1.38 -1.95 -7.54
N SER A 19 0.43 -2.23 -6.67
CA SER A 19 -0.13 -3.57 -6.59
C SER A 19 -1.65 -3.49 -6.47
N LYS A 20 -2.10 -2.86 -5.40
CA LYS A 20 -3.52 -2.72 -5.16
C LYS A 20 -4.05 -1.54 -5.99
N HIS A 21 -3.73 -1.58 -7.27
CA HIS A 21 -4.18 -0.54 -8.18
C HIS A 21 -3.84 -0.95 -9.63
N ILE A 22 -2.67 -1.55 -9.78
CA ILE A 22 -2.23 -2.00 -11.10
C ILE A 22 -2.69 -3.43 -11.33
N LYS A 23 -2.82 -4.16 -10.23
CA LYS A 23 -3.25 -5.55 -10.30
C LYS A 23 -4.77 -5.61 -10.21
N THR A 24 -5.39 -4.46 -10.42
CA THR A 24 -6.84 -4.37 -10.37
C THR A 24 -7.30 -2.95 -10.71
N ALA A 25 -8.05 -2.85 -11.80
CA ALA A 25 -8.56 -1.57 -12.24
C ALA A 25 -10.02 -1.41 -11.79
N PHE A 26 -10.18 -1.14 -10.51
CA PHE A 26 -11.51 -0.97 -9.94
C PHE A 26 -11.43 -0.45 -8.51
N ILE A 27 -12.54 -0.56 -7.80
CA ILE A 27 -12.62 -0.10 -6.43
C ILE A 27 -13.15 -1.23 -5.55
N VAL A 28 -12.22 -1.93 -4.92
CA VAL A 28 -12.58 -3.03 -4.04
C VAL A 28 -11.35 -3.46 -3.23
N VAL A 29 -10.32 -3.86 -3.94
CA VAL A 29 -9.09 -4.29 -3.31
C VAL A 29 -7.94 -3.39 -3.75
N ALA A 30 -8.25 -2.51 -4.69
CA ALA A 30 -7.26 -1.58 -5.22
C ALA A 30 -6.97 -0.51 -4.16
N LEU A 31 -7.83 0.49 -4.13
CA LEU A 31 -7.67 1.58 -3.18
C LEU A 31 -7.48 1.00 -1.77
N GLY A 32 -8.45 0.20 -1.36
CA GLY A 32 -8.40 -0.42 -0.05
C GLY A 32 -7.62 -1.74 -0.10
N TYR A 1 4.70 1.70 17.80
CA TYR A 1 4.60 0.47 17.02
C TYR A 1 3.85 -0.61 17.80
N ALA A 2 2.67 -0.95 17.30
CA ALA A 2 1.85 -1.97 17.93
C ALA A 2 1.80 -3.21 17.04
N PHE A 3 1.40 -2.98 15.79
CA PHE A 3 1.30 -4.06 14.83
C PHE A 3 1.84 -3.63 13.46
N ALA A 4 1.34 -2.50 12.99
CA ALA A 4 1.76 -1.97 11.71
C ALA A 4 1.05 -0.64 11.47
N CYS A 5 1.10 0.21 12.48
CA CYS A 5 0.47 1.53 12.37
C CYS A 5 1.33 2.40 11.47
N PRO A 6 2.65 2.48 11.82
CA PRO A 6 3.58 3.28 11.06
C PRO A 6 3.94 2.59 9.74
N ALA A 7 5.00 1.80 9.80
CA ALA A 7 5.46 1.08 8.63
C ALA A 7 5.38 2.00 7.40
N CYS A 8 5.38 1.39 6.23
CA CYS A 8 5.32 2.13 4.99
C CYS A 8 6.53 3.05 4.92
N PRO A 9 7.64 2.52 4.34
CA PRO A 9 8.87 3.28 4.20
C PRO A 9 8.75 4.32 3.10
N LYS A 10 9.90 4.81 2.65
CA LYS A 10 9.94 5.80 1.60
C LYS A 10 10.32 5.14 0.28
N ARG A 11 10.45 3.82 0.34
CA ARG A 11 10.82 3.05 -0.83
C ARG A 11 9.60 2.28 -1.36
N PHE A 12 8.77 1.84 -0.42
CA PHE A 12 7.58 1.09 -0.77
C PHE A 12 6.55 1.99 -1.45
N MET A 13 6.42 3.19 -0.92
CA MET A 13 5.47 4.15 -1.47
C MET A 13 5.62 4.26 -3.00
N ARG A 14 6.80 3.88 -3.46
CA ARG A 14 7.09 3.93 -4.89
C ARG A 14 6.43 2.74 -5.61
N SER A 15 6.68 1.55 -5.06
CA SER A 15 6.12 0.33 -5.63
C SER A 15 4.70 0.12 -5.11
N ASP A 16 4.19 1.14 -4.44
CA ASP A 16 2.84 1.07 -3.88
C ASP A 16 1.88 1.84 -4.80
N ALA A 17 2.47 2.71 -5.61
CA ALA A 17 1.67 3.51 -6.54
C ALA A 17 1.45 2.71 -7.82
N LEU A 18 1.35 1.40 -7.66
CA LEU A 18 1.14 0.52 -8.79
C LEU A 18 0.84 -0.90 -8.29
N SER A 19 0.20 -0.95 -7.13
CA SER A 19 -0.14 -2.24 -6.54
C SER A 19 -1.55 -2.17 -5.93
N LYS A 20 -2.25 -1.10 -6.28
CA LYS A 20 -3.61 -0.90 -5.79
C LYS A 20 -4.60 -1.20 -6.91
N HIS A 21 -4.07 -1.30 -8.13
CA HIS A 21 -4.90 -1.57 -9.29
C HIS A 21 -4.38 -2.83 -9.99
N ILE A 22 -3.32 -3.38 -9.45
CA ILE A 22 -2.72 -4.58 -10.00
C ILE A 22 -3.18 -5.80 -9.21
N LYS A 23 -3.15 -5.65 -7.89
CA LYS A 23 -3.55 -6.73 -7.00
C LYS A 23 -5.08 -6.75 -6.92
N THR A 24 -5.70 -5.86 -7.67
CA THR A 24 -7.15 -5.77 -7.68
C THR A 24 -7.62 -4.82 -8.78
N ALA A 25 -8.48 -3.88 -8.39
CA ALA A 25 -9.01 -2.91 -9.32
C ALA A 25 -10.19 -2.19 -8.68
N PHE A 26 -9.93 -1.62 -7.51
CA PHE A 26 -10.97 -0.89 -6.78
C PHE A 26 -10.43 -0.34 -5.47
N ILE A 27 -11.35 -0.08 -4.55
CA ILE A 27 -10.98 0.45 -3.25
C ILE A 27 -11.73 -0.32 -2.16
N VAL A 28 -11.14 -1.44 -1.77
CA VAL A 28 -11.73 -2.28 -0.75
C VAL A 28 -10.64 -3.13 -0.09
N VAL A 29 -9.95 -3.89 -0.93
CA VAL A 29 -8.89 -4.76 -0.45
C VAL A 29 -7.55 -4.31 -1.06
N ALA A 30 -7.66 -3.38 -2.00
CA ALA A 30 -6.48 -2.85 -2.67
C ALA A 30 -5.61 -2.12 -1.65
N LEU A 31 -4.48 -2.73 -1.33
CA LEU A 31 -3.55 -2.14 -0.38
C LEU A 31 -3.27 -0.69 -0.77
N GLY A 32 -2.46 -0.04 0.05
CA GLY A 32 -2.11 1.34 -0.20
C GLY A 32 -2.82 2.28 0.80
N TYR A 1 0.91 5.19 14.29
CA TYR A 1 2.31 4.83 14.09
C TYR A 1 3.24 5.87 14.72
N ALA A 2 4.45 5.43 15.03
CA ALA A 2 5.44 6.31 15.63
C ALA A 2 6.77 6.13 14.91
N PHE A 3 7.24 4.89 14.88
CA PHE A 3 8.50 4.57 14.24
C PHE A 3 8.39 3.29 13.43
N ALA A 4 7.81 2.28 14.06
CA ALA A 4 7.63 0.99 13.40
C ALA A 4 6.84 0.06 14.33
N CYS A 5 5.81 0.63 14.94
CA CYS A 5 4.97 -0.14 15.84
C CYS A 5 4.27 -1.24 15.05
N PRO A 6 3.60 -0.81 13.94
CA PRO A 6 2.89 -1.74 13.08
C PRO A 6 3.86 -2.54 12.22
N ALA A 7 4.26 -1.94 11.11
CA ALA A 7 5.19 -2.58 10.19
C ALA A 7 5.18 -1.81 8.86
N CYS A 8 3.99 -1.52 8.39
CA CYS A 8 3.83 -0.79 7.13
C CYS A 8 4.89 0.31 7.09
N PRO A 9 5.97 0.02 6.32
CA PRO A 9 7.06 0.98 6.17
C PRO A 9 6.66 2.13 5.24
N LYS A 10 7.67 2.84 4.77
CA LYS A 10 7.44 3.96 3.87
C LYS A 10 8.01 3.63 2.49
N ARG A 11 8.58 2.43 2.39
CA ARG A 11 9.16 2.00 1.14
C ARG A 11 8.26 0.95 0.48
N PHE A 12 7.67 0.10 1.32
CA PHE A 12 6.80 -0.95 0.82
C PHE A 12 5.49 -0.36 0.30
N MET A 13 4.97 0.61 1.05
CA MET A 13 3.72 1.26 0.66
C MET A 13 3.76 1.69 -0.81
N ARG A 14 4.97 1.86 -1.31
CA ARG A 14 5.16 2.27 -2.69
C ARG A 14 4.97 1.08 -3.63
N SER A 15 5.65 -0.01 -3.29
CA SER A 15 5.57 -1.23 -4.09
C SER A 15 4.14 -1.76 -4.09
N ASP A 16 3.34 -1.20 -3.19
CA ASP A 16 1.94 -1.61 -3.07
C ASP A 16 1.04 -0.48 -3.56
N ALA A 17 1.61 0.72 -3.57
CA ALA A 17 0.86 1.89 -4.01
C ALA A 17 0.99 2.03 -5.52
N LEU A 18 1.23 0.91 -6.18
CA LEU A 18 1.38 0.90 -7.62
C LEU A 18 1.30 -0.55 -8.13
N SER A 19 0.55 -1.35 -7.40
CA SER A 19 0.39 -2.75 -7.77
C SER A 19 -1.03 -3.22 -7.44
N LYS A 20 -1.39 -3.08 -6.17
CA LYS A 20 -2.72 -3.48 -5.72
C LYS A 20 -3.76 -2.52 -6.30
N HIS A 21 -3.26 -1.40 -6.80
CA HIS A 21 -4.14 -0.39 -7.38
C HIS A 21 -4.08 -0.48 -8.91
N ILE A 22 -3.09 -1.23 -9.39
CA ILE A 22 -2.92 -1.40 -10.82
C ILE A 22 -3.30 -2.83 -11.21
N LYS A 23 -3.35 -3.69 -10.20
CA LYS A 23 -3.70 -5.08 -10.42
C LYS A 23 -5.22 -5.25 -10.26
N THR A 24 -5.91 -4.12 -10.34
CA THR A 24 -7.36 -4.13 -10.20
C THR A 24 -7.92 -2.73 -10.42
N ALA A 25 -8.67 -2.57 -11.50
CA ALA A 25 -9.27 -1.29 -11.83
C ALA A 25 -10.70 -1.25 -11.28
N PHE A 26 -10.80 -1.12 -9.96
CA PHE A 26 -12.09 -1.06 -9.31
C PHE A 26 -11.95 -0.59 -7.87
N ILE A 27 -12.99 -0.85 -7.08
CA ILE A 27 -13.01 -0.46 -5.69
C ILE A 27 -13.36 -1.68 -4.83
N VAL A 28 -12.32 -2.29 -4.26
CA VAL A 28 -12.51 -3.46 -3.43
C VAL A 28 -11.19 -3.78 -2.71
N VAL A 29 -10.14 -3.92 -3.51
CA VAL A 29 -8.83 -4.24 -2.97
C VAL A 29 -7.80 -3.25 -3.53
N ALA A 30 -8.32 -2.29 -4.29
CA ALA A 30 -7.46 -1.29 -4.89
C ALA A 30 -7.22 -0.16 -3.89
N LEU A 31 -5.98 -0.11 -3.40
CA LEU A 31 -5.61 0.91 -2.43
C LEU A 31 -5.85 2.29 -3.03
N GLY A 32 -4.92 2.71 -3.87
CA GLY A 32 -5.02 4.01 -4.52
C GLY A 32 -6.08 3.99 -5.62
N TYR A 1 4.66 -3.73 17.91
CA TYR A 1 4.42 -3.75 16.47
C TYR A 1 4.34 -2.34 15.90
N ALA A 2 5.28 -2.03 15.02
CA ALA A 2 5.32 -0.72 14.39
C ALA A 2 5.57 -0.89 12.89
N PHE A 3 5.02 -1.96 12.35
CA PHE A 3 5.18 -2.24 10.93
C PHE A 3 4.82 -1.01 10.08
N ALA A 4 3.55 -0.64 10.13
CA ALA A 4 3.08 0.50 9.38
C ALA A 4 1.80 1.03 10.04
N CYS A 5 1.68 0.77 11.32
CA CYS A 5 0.51 1.22 12.07
C CYS A 5 0.49 2.75 12.05
N PRO A 6 1.64 3.34 12.44
CA PRO A 6 1.76 4.80 12.48
C PRO A 6 1.91 5.36 11.06
N ALA A 7 3.16 5.41 10.62
CA ALA A 7 3.45 5.93 9.29
C ALA A 7 4.24 4.88 8.50
N CYS A 8 4.74 5.30 7.35
CA CYS A 8 5.50 4.41 6.49
C CYS A 8 6.75 5.16 6.01
N PRO A 9 7.72 4.38 5.47
CA PRO A 9 8.95 4.96 4.96
C PRO A 9 8.73 5.66 3.63
N LYS A 10 9.82 5.93 2.93
CA LYS A 10 9.76 6.60 1.65
C LYS A 10 9.95 5.56 0.53
N ARG A 11 9.89 4.30 0.92
CA ARG A 11 10.06 3.21 -0.03
C ARG A 11 8.76 2.39 -0.12
N PHE A 12 8.08 2.28 1.01
CA PHE A 12 6.84 1.53 1.07
C PHE A 12 5.73 2.25 0.30
N MET A 13 5.68 3.55 0.48
CA MET A 13 4.68 4.36 -0.19
C MET A 13 4.60 4.02 -1.68
N ARG A 14 5.69 3.47 -2.19
CA ARG A 14 5.76 3.09 -3.59
C ARG A 14 5.33 1.63 -3.76
N SER A 15 5.91 0.77 -2.93
CA SER A 15 5.60 -0.65 -2.99
C SER A 15 4.10 -0.87 -2.78
N ASP A 16 3.44 0.17 -2.28
CA ASP A 16 2.02 0.11 -2.04
C ASP A 16 1.28 0.93 -3.11
N ALA A 17 2.03 1.81 -3.75
CA ALA A 17 1.47 2.65 -4.79
C ALA A 17 1.56 1.93 -6.13
N LEU A 18 1.54 0.61 -6.06
CA LEU A 18 1.62 -0.20 -7.26
C LEU A 18 1.39 -1.67 -6.89
N SER A 19 0.56 -1.87 -5.88
CA SER A 19 0.25 -3.21 -5.42
C SER A 19 -1.21 -3.27 -4.95
N LYS A 20 -1.49 -2.53 -3.89
CA LYS A 20 -2.83 -2.49 -3.33
C LYS A 20 -3.70 -1.57 -4.18
N HIS A 21 -3.66 -1.80 -5.49
CA HIS A 21 -4.45 -1.00 -6.41
C HIS A 21 -4.36 -1.61 -7.82
N ILE A 22 -3.18 -2.14 -8.13
CA ILE A 22 -2.95 -2.75 -9.42
C ILE A 22 -3.22 -4.25 -9.33
N LYS A 23 -3.10 -4.77 -8.10
CA LYS A 23 -3.33 -6.18 -7.87
C LYS A 23 -4.79 -6.41 -7.51
N THR A 24 -5.64 -5.50 -7.98
CA THR A 24 -7.06 -5.58 -7.72
C THR A 24 -7.80 -4.45 -8.44
N ALA A 25 -8.65 -4.85 -9.38
CA ALA A 25 -9.42 -3.89 -10.15
C ALA A 25 -10.82 -3.77 -9.54
N PHE A 26 -10.87 -3.10 -8.39
CA PHE A 26 -12.14 -2.91 -7.70
C PHE A 26 -12.01 -1.88 -6.58
N ILE A 27 -13.00 -1.87 -5.71
CA ILE A 27 -13.01 -0.93 -4.59
C ILE A 27 -13.24 -1.71 -3.29
N VAL A 28 -12.14 -2.02 -2.62
CA VAL A 28 -12.20 -2.77 -1.38
C VAL A 28 -10.84 -2.72 -0.69
N VAL A 29 -9.81 -2.97 -1.47
CA VAL A 29 -8.45 -2.96 -0.95
C VAL A 29 -7.53 -2.26 -1.96
N ALA A 30 -8.16 -1.61 -2.93
CA ALA A 30 -7.40 -0.90 -3.95
C ALA A 30 -7.24 0.57 -3.54
N LEU A 31 -6.09 1.12 -3.88
CA LEU A 31 -5.80 2.50 -3.55
C LEU A 31 -6.73 3.42 -4.35
N GLY A 32 -6.36 3.65 -5.60
CA GLY A 32 -7.16 4.50 -6.48
C GLY A 32 -7.37 5.88 -5.84
N TYR A 1 8.81 1.00 9.66
CA TYR A 1 7.97 0.69 10.80
C TYR A 1 8.76 -0.08 11.87
N ALA A 2 8.84 0.53 13.04
CA ALA A 2 9.56 -0.09 14.15
C ALA A 2 8.61 -1.02 14.90
N PHE A 3 7.54 -0.44 15.42
CA PHE A 3 6.55 -1.20 16.16
C PHE A 3 5.16 -0.56 16.06
N ALA A 4 4.45 -0.60 17.16
CA ALA A 4 3.11 -0.03 17.21
C ALA A 4 3.20 1.45 17.60
N CYS A 5 3.26 2.29 16.58
CA CYS A 5 3.34 3.72 16.80
C CYS A 5 3.34 4.42 15.44
N PRO A 6 4.37 4.08 14.62
CA PRO A 6 4.50 4.65 13.29
C PRO A 6 3.48 4.06 12.33
N ALA A 7 3.67 4.36 11.06
CA ALA A 7 2.78 3.86 10.03
C ALA A 7 3.22 4.40 8.67
N CYS A 8 3.05 3.57 7.64
CA CYS A 8 3.43 3.95 6.30
C CYS A 8 4.93 4.22 6.28
N PRO A 9 5.71 3.17 5.91
CA PRO A 9 7.15 3.29 5.84
C PRO A 9 7.59 4.09 4.61
N LYS A 10 8.86 3.96 4.28
CA LYS A 10 9.41 4.66 3.12
C LYS A 10 9.87 3.64 2.09
N ARG A 11 8.92 2.83 1.64
CA ARG A 11 9.22 1.81 0.64
C ARG A 11 7.94 1.05 0.27
N PHE A 12 7.12 0.82 1.27
CA PHE A 12 5.86 0.11 1.06
C PHE A 12 4.88 0.95 0.25
N MET A 13 4.82 2.23 0.60
CA MET A 13 3.92 3.15 -0.10
C MET A 13 4.06 3.01 -1.61
N ARG A 14 5.26 2.61 -2.03
CA ARG A 14 5.54 2.44 -3.45
C ARG A 14 5.14 1.03 -3.89
N SER A 15 5.60 0.06 -3.13
CA SER A 15 5.31 -1.34 -3.44
C SER A 15 3.80 -1.59 -3.35
N ASP A 16 3.10 -0.61 -2.79
CA ASP A 16 1.66 -0.71 -2.65
C ASP A 16 0.98 0.28 -3.59
N ALA A 17 1.76 1.28 -4.02
CA ALA A 17 1.25 2.29 -4.93
C ALA A 17 1.43 1.81 -6.36
N LEU A 18 1.51 0.50 -6.51
CA LEU A 18 1.69 -0.09 -7.84
C LEU A 18 1.34 -1.59 -7.76
N SER A 19 0.46 -1.91 -6.83
CA SER A 19 0.04 -3.29 -6.65
C SER A 19 -1.45 -3.35 -6.29
N LYS A 20 -1.81 -2.53 -5.30
CA LYS A 20 -3.19 -2.47 -4.85
C LYS A 20 -3.96 -1.49 -5.74
N HIS A 21 -3.75 -1.61 -7.04
CA HIS A 21 -4.43 -0.75 -7.99
C HIS A 21 -4.15 -1.25 -9.42
N ILE A 22 -2.92 -1.69 -9.63
CA ILE A 22 -2.52 -2.19 -10.93
C ILE A 22 -2.95 -3.65 -11.06
N LYS A 23 -2.92 -4.35 -9.94
CA LYS A 23 -3.30 -5.74 -9.91
C LYS A 23 -4.81 -5.86 -9.71
N THR A 24 -5.48 -4.72 -9.83
CA THR A 24 -6.92 -4.68 -9.66
C THR A 24 -7.44 -3.26 -9.91
N ALA A 25 -8.26 -3.14 -10.94
CA ALA A 25 -8.83 -1.85 -11.30
C ALA A 25 -10.25 -1.76 -10.75
N PHE A 26 -10.34 -1.56 -9.44
CA PHE A 26 -11.63 -1.45 -8.77
C PHE A 26 -11.47 -0.98 -7.33
N ILE A 27 -12.53 -1.16 -6.56
CA ILE A 27 -12.52 -0.75 -5.16
C ILE A 27 -12.95 -1.92 -4.29
N VAL A 28 -11.96 -2.63 -3.76
CA VAL A 28 -12.22 -3.79 -2.92
C VAL A 28 -10.92 -4.20 -2.22
N VAL A 29 -9.86 -4.27 -3.02
CA VAL A 29 -8.56 -4.67 -2.49
C VAL A 29 -7.50 -3.73 -3.06
N ALA A 30 -7.96 -2.67 -3.71
CA ALA A 30 -7.05 -1.70 -4.30
C ALA A 30 -6.76 -0.59 -3.28
N LEU A 31 -6.34 0.55 -3.80
CA LEU A 31 -6.04 1.69 -2.95
C LEU A 31 -6.52 2.98 -3.64
N GLY A 32 -6.37 4.09 -2.92
CA GLY A 32 -6.78 5.37 -3.44
C GLY A 32 -8.20 5.73 -2.95
N TYR A 1 2.49 -5.09 9.81
CA TYR A 1 1.60 -3.96 10.04
C TYR A 1 2.27 -2.65 9.64
N ALA A 2 2.14 -2.32 8.36
CA ALA A 2 2.73 -1.09 7.83
C ALA A 2 1.61 -0.15 7.39
N PHE A 3 0.40 -0.70 7.32
CA PHE A 3 -0.76 0.08 6.92
C PHE A 3 -1.31 0.89 8.09
N ALA A 4 -0.60 0.82 9.20
CA ALA A 4 -1.01 1.53 10.40
C ALA A 4 -0.14 1.09 11.58
N CYS A 5 1.02 1.70 11.69
CA CYS A 5 1.94 1.39 12.77
C CYS A 5 3.19 2.25 12.60
N PRO A 6 3.85 2.10 11.41
CA PRO A 6 5.05 2.85 11.12
C PRO A 6 4.71 4.31 10.80
N ALA A 7 4.45 4.55 9.51
CA ALA A 7 4.12 5.89 9.06
C ALA A 7 4.27 5.95 7.53
N CYS A 8 5.42 6.41 7.09
CA CYS A 8 5.69 6.54 5.67
C CYS A 8 7.20 6.65 5.48
N PRO A 9 7.85 5.47 5.23
CA PRO A 9 9.28 5.42 5.03
C PRO A 9 9.65 5.96 3.65
N LYS A 10 10.87 5.64 3.23
CA LYS A 10 11.36 6.08 1.93
C LYS A 10 11.62 4.86 1.05
N ARG A 11 10.56 4.09 0.83
CA ARG A 11 10.65 2.90 0.02
C ARG A 11 9.28 2.22 -0.12
N PHE A 12 8.53 2.26 0.98
CA PHE A 12 7.21 1.66 0.99
C PHE A 12 6.24 2.48 0.14
N MET A 13 6.32 3.79 0.30
CA MET A 13 5.45 4.69 -0.45
C MET A 13 5.44 4.33 -1.93
N ARG A 14 6.54 3.74 -2.38
CA ARG A 14 6.66 3.34 -3.77
C ARG A 14 6.13 1.92 -3.97
N SER A 15 6.59 1.03 -3.10
CA SER A 15 6.17 -0.37 -3.16
C SER A 15 4.66 -0.46 -2.95
N ASP A 16 4.09 0.63 -2.48
CA ASP A 16 2.66 0.68 -2.22
C ASP A 16 1.98 1.50 -3.31
N ALA A 17 2.78 2.31 -3.99
CA ALA A 17 2.26 3.16 -5.06
C ALA A 17 2.25 2.36 -6.37
N LEU A 18 1.96 1.08 -6.23
CA LEU A 18 1.91 0.20 -7.40
C LEU A 18 1.41 -1.19 -6.95
N SER A 19 0.53 -1.18 -5.97
CA SER A 19 -0.03 -2.42 -5.46
C SER A 19 -1.52 -2.24 -5.15
N LYS A 20 -1.83 -1.11 -4.53
CA LYS A 20 -3.20 -0.80 -4.17
C LYS A 20 -3.89 -0.11 -5.35
N HIS A 21 -3.64 -0.65 -6.54
CA HIS A 21 -4.22 -0.10 -7.75
C HIS A 21 -3.94 -1.03 -8.93
N ILE A 22 -2.74 -1.58 -8.94
CA ILE A 22 -2.34 -2.48 -10.00
C ILE A 22 -2.56 -3.92 -9.54
N LYS A 23 -2.25 -4.17 -8.28
CA LYS A 23 -2.41 -5.50 -7.71
C LYS A 23 -3.90 -5.82 -7.61
N THR A 24 -4.71 -4.82 -7.90
CA THR A 24 -6.16 -4.97 -7.85
C THR A 24 -6.86 -3.82 -8.58
N ALA A 25 -7.79 -3.20 -7.87
CA ALA A 25 -8.53 -2.08 -8.44
C ALA A 25 -9.74 -1.78 -7.55
N PHE A 26 -9.45 -1.51 -6.29
CA PHE A 26 -10.49 -1.20 -5.33
C PHE A 26 -9.91 -0.93 -3.94
N ILE A 27 -10.76 -1.07 -2.94
CA ILE A 27 -10.35 -0.84 -1.57
C ILE A 27 -10.84 -1.99 -0.69
N VAL A 28 -10.00 -3.02 -0.60
CA VAL A 28 -10.34 -4.19 0.20
C VAL A 28 -9.07 -4.99 0.48
N VAL A 29 -8.33 -5.26 -0.57
CA VAL A 29 -7.09 -6.02 -0.46
C VAL A 29 -5.96 -5.26 -1.17
N ALA A 30 -6.30 -4.06 -1.62
CA ALA A 30 -5.32 -3.22 -2.31
C ALA A 30 -4.33 -2.65 -1.30
N LEU A 31 -4.87 -1.99 -0.29
CA LEU A 31 -4.04 -1.39 0.74
C LEU A 31 -3.09 -2.45 1.29
N GLY A 32 -3.63 -3.63 1.54
CA GLY A 32 -2.84 -4.72 2.06
C GLY A 32 -3.70 -5.98 2.23
#